data_8F5S
#
_entry.id   8F5S
#
_cell.length_a   117.767
_cell.length_b   117.767
_cell.length_c   154.773
_cell.angle_alpha   90
_cell.angle_beta   90
_cell.angle_gamma   90
#
_symmetry.space_group_name_H-M   'P 41 2 2'
#
loop_
_entity.id
_entity.type
_entity.pdbx_description
1 polymer '[3-methyl-2-oxobutanoate dehydrogenase [lipoamide]] kinase, mitochondrial'
2 non-polymer "ADENOSINE-5'-DIPHOSPHATE"
3 non-polymer 'MAGNESIUM ION'
4 non-polymer 'POTASSIUM ION'
5 non-polymer '(2M)-2-[2-(4-methylphenyl)-1,3-thiazol-4-yl]benzoic acid'
6 non-polymer 'SULFATE ION'
7 water water
#
_entity_poly.entity_id   1
_entity_poly.type   'polypeptide(L)'
_entity_poly.pdbx_seq_one_letter_code
;STSATDTHHVEMARERSKTVTSFYNQSAIDAAAEKPSVRLTPTMMLYAGRSQDGSHLLKSARYLQQELPVRIAHRIKGFR
CLPFIIGCNPTILHVHELYIRAFQKLTDFPPIKDQADEAQYCQLVRQLLDDHKDVVTLLAEGLRESRKHIEDEKLVRYFL
DKTLTSRLGIRMLATHHLALHEDKPDFVGIICTRLSPKKIIEKWVDFARRLCEHKYGNAPRVRINGHVAARFPFIPMPLD
YILPELLKNAMRATMESHLDTPYNVPDVVITIANNDVDLIIRISDRGGGIAHKDLDRVMDYHFTTAEASTQDPRISPLFG
HLDMHSGAQSGPMHGFGFGLPTSRAYAEYLGGSLQLQSLQGIGTDVYLRLRHIDGREESFRIHHHHHH
;
_entity_poly.pdbx_strand_id   A,B
#
# COMPACT_ATOMS: atom_id res chain seq x y z
N GLN A 26 24.48 -11.33 -34.98
CA GLN A 26 23.35 -12.10 -35.49
C GLN A 26 22.20 -11.16 -35.88
N SER A 27 21.47 -11.47 -36.99
CA SER A 27 20.35 -10.64 -37.45
C SER A 27 19.14 -10.62 -36.50
N ALA A 28 18.95 -11.71 -35.74
CA ALA A 28 17.86 -11.80 -34.76
C ALA A 28 18.08 -10.83 -33.59
N ILE A 29 19.33 -10.61 -33.18
CA ILE A 29 19.68 -9.68 -32.12
C ILE A 29 19.43 -8.24 -32.58
N ASP A 30 19.75 -7.93 -33.86
CA ASP A 30 19.55 -6.61 -34.46
C ASP A 30 18.10 -6.14 -34.29
N ALA A 31 17.15 -7.07 -34.52
CA ALA A 31 15.71 -6.84 -34.43
C ALA A 31 15.25 -6.50 -32.99
N ALA A 32 15.76 -7.22 -31.98
CA ALA A 32 15.38 -7.02 -30.58
C ALA A 32 16.12 -5.88 -29.86
N ALA A 33 17.19 -5.36 -30.45
CA ALA A 33 17.96 -4.24 -29.88
C ALA A 33 17.17 -2.93 -30.01
N GLU A 34 16.44 -2.76 -31.13
CA GLU A 34 15.60 -1.60 -31.44
C GLU A 34 14.29 -1.61 -30.63
N LYS A 35 13.70 -2.82 -30.42
CA LYS A 35 12.46 -3.06 -29.67
C LYS A 35 12.53 -2.42 -28.28
N PRO A 36 11.60 -1.51 -27.96
CA PRO A 36 11.66 -0.84 -26.65
C PRO A 36 11.40 -1.76 -25.47
N SER A 37 11.98 -1.42 -24.32
CA SER A 37 11.84 -2.21 -23.11
C SER A 37 10.49 -1.93 -22.44
N VAL A 38 9.77 -2.99 -22.06
CA VAL A 38 8.48 -2.87 -21.37
C VAL A 38 8.64 -3.14 -19.88
N ARG A 39 8.56 -2.08 -19.08
CA ARG A 39 8.75 -2.14 -17.64
C ARG A 39 7.47 -2.45 -16.85
N LEU A 40 7.56 -3.43 -15.97
CA LEU A 40 6.47 -3.84 -15.10
C LEU A 40 6.66 -3.18 -13.74
N THR A 41 5.90 -2.09 -13.47
CA THR A 41 5.88 -1.26 -12.26
C THR A 41 5.68 -2.13 -11.02
N PRO A 42 6.44 -1.89 -9.92
CA PRO A 42 6.28 -2.74 -8.73
C PRO A 42 4.84 -2.87 -8.24
N THR A 43 4.07 -1.81 -8.42
CA THR A 43 2.67 -1.75 -8.02
C THR A 43 1.83 -2.70 -8.90
N MET A 44 2.13 -2.75 -10.21
CA MET A 44 1.44 -3.63 -11.17
C MET A 44 1.75 -5.09 -10.88
N MET A 45 3.04 -5.39 -10.52
CA MET A 45 3.58 -6.72 -10.24
C MET A 45 2.74 -7.55 -9.27
N LEU A 46 1.99 -6.87 -8.39
CA LEU A 46 1.11 -7.52 -7.44
C LEU A 46 -0.22 -7.94 -8.10
N TYR A 47 -0.11 -8.71 -9.19
CA TYR A 47 -1.24 -9.25 -9.95
C TYR A 47 -1.29 -10.80 -9.86
N ALA A 48 -0.59 -11.41 -8.88
CA ALA A 48 -0.54 -12.85 -8.67
C ALA A 48 -1.79 -13.40 -7.96
N GLY A 49 -2.84 -13.68 -8.72
CA GLY A 49 -4.07 -14.21 -8.17
C GLY A 49 -4.32 -15.67 -8.49
N ARG A 50 -5.27 -15.94 -9.42
CA ARG A 50 -5.66 -17.27 -9.92
C ARG A 50 -5.92 -18.34 -8.86
N GLY A 54 -4.16 -21.85 -12.07
CA GLY A 54 -2.99 -21.01 -11.95
C GLY A 54 -2.69 -20.20 -13.20
N SER A 55 -3.72 -19.52 -13.73
CA SER A 55 -3.65 -18.71 -14.94
C SER A 55 -2.79 -17.45 -14.81
N HIS A 56 -2.52 -17.00 -13.57
CA HIS A 56 -1.64 -15.87 -13.34
C HIS A 56 -0.18 -16.26 -13.60
N LEU A 57 0.17 -17.58 -13.46
CA LEU A 57 1.53 -18.09 -13.69
C LEU A 57 1.84 -18.04 -15.18
N LEU A 58 0.88 -18.42 -16.02
CA LEU A 58 1.07 -18.40 -17.47
C LEU A 58 1.21 -16.97 -18.00
N LYS A 59 0.40 -16.05 -17.48
CA LYS A 59 0.38 -14.64 -17.89
C LYS A 59 1.74 -13.98 -17.62
N SER A 60 2.36 -14.31 -16.48
CA SER A 60 3.64 -13.81 -16.04
C SER A 60 4.79 -14.42 -16.84
N ALA A 61 4.73 -15.73 -17.11
CA ALA A 61 5.76 -16.42 -17.86
C ALA A 61 5.78 -16.00 -19.31
N ARG A 62 4.61 -15.73 -19.88
CA ARG A 62 4.49 -15.26 -21.25
C ARG A 62 5.13 -13.86 -21.38
N TYR A 63 5.06 -13.04 -20.32
CA TYR A 63 5.69 -11.74 -20.31
C TYR A 63 7.21 -11.91 -20.23
N LEU A 64 7.69 -12.73 -19.27
CA LEU A 64 9.11 -13.01 -18.99
C LEU A 64 9.81 -13.54 -20.23
N GLN A 65 9.14 -14.40 -21.00
CA GLN A 65 9.66 -15.01 -22.21
C GLN A 65 9.92 -14.00 -23.32
N GLN A 66 9.08 -12.96 -23.39
CA GLN A 66 9.15 -11.90 -24.38
C GLN A 66 10.08 -10.77 -23.95
N GLU A 67 10.08 -10.47 -22.66
CA GLU A 67 10.87 -9.39 -22.09
C GLU A 67 12.33 -9.75 -21.86
N LEU A 68 12.65 -11.00 -21.45
CA LEU A 68 14.04 -11.39 -21.20
C LEU A 68 14.98 -11.24 -22.42
N PRO A 69 14.61 -11.62 -23.66
CA PRO A 69 15.55 -11.44 -24.78
C PRO A 69 15.77 -9.97 -25.15
N VAL A 70 14.76 -9.12 -24.91
CA VAL A 70 14.86 -7.69 -25.19
C VAL A 70 15.93 -7.07 -24.32
N ARG A 71 15.92 -7.41 -23.02
CA ARG A 71 16.89 -6.90 -22.07
C ARG A 71 18.31 -7.37 -22.43
N ILE A 72 18.45 -8.65 -22.84
CA ILE A 72 19.74 -9.20 -23.24
C ILE A 72 20.24 -8.48 -24.49
N ALA A 73 19.38 -8.30 -25.51
CA ALA A 73 19.74 -7.62 -26.77
C ALA A 73 20.14 -6.16 -26.56
N HIS A 74 19.48 -5.46 -25.63
CA HIS A 74 19.83 -4.08 -25.31
C HIS A 74 21.26 -3.99 -24.80
N ARG A 75 21.70 -5.00 -24.04
CA ARG A 75 23.05 -5.07 -23.53
C ARG A 75 24.03 -5.46 -24.61
N ILE A 76 23.65 -6.36 -25.53
CA ILE A 76 24.48 -6.72 -26.68
C ILE A 76 24.76 -5.46 -27.54
N LYS A 77 23.76 -4.55 -27.63
CA LYS A 77 23.88 -3.27 -28.33
C LYS A 77 24.98 -2.42 -27.68
N GLY A 78 25.07 -2.48 -26.35
CA GLY A 78 26.09 -1.77 -25.57
C GLY A 78 27.50 -2.29 -25.82
N PHE A 79 27.64 -3.62 -25.98
CA PHE A 79 28.92 -4.24 -26.30
C PHE A 79 29.32 -3.87 -27.73
N ARG A 80 28.35 -3.86 -28.65
CA ARG A 80 28.56 -3.49 -30.04
C ARG A 80 28.96 -2.03 -30.18
N CYS A 81 28.53 -1.18 -29.24
CA CYS A 81 28.83 0.24 -29.25
C CYS A 81 30.12 0.62 -28.53
N LEU A 82 30.75 -0.33 -27.80
CA LEU A 82 32.04 -0.10 -27.14
C LEU A 82 33.09 0.24 -28.22
N PRO A 83 34.15 1.03 -27.93
CA PRO A 83 35.19 1.26 -28.95
C PRO A 83 35.84 -0.06 -29.34
N PHE A 84 36.18 -0.22 -30.61
CA PHE A 84 36.73 -1.46 -31.14
C PHE A 84 37.84 -2.09 -30.32
N ILE A 85 38.86 -1.29 -29.94
CA ILE A 85 40.00 -1.76 -29.19
C ILE A 85 39.61 -2.39 -27.84
N ILE A 86 38.56 -1.87 -27.19
CA ILE A 86 38.04 -2.38 -25.92
C ILE A 86 37.18 -3.62 -26.13
N GLY A 87 36.27 -3.56 -27.11
CA GLY A 87 35.41 -4.70 -27.42
C GLY A 87 36.17 -5.94 -27.86
N CYS A 88 37.41 -5.74 -28.33
CA CYS A 88 38.31 -6.78 -28.81
C CYS A 88 39.04 -7.52 -27.71
N ASN A 89 39.01 -7.01 -26.46
CA ASN A 89 39.69 -7.68 -25.34
C ASN A 89 39.10 -9.08 -25.17
N PRO A 90 39.94 -10.10 -25.09
CA PRO A 90 39.42 -11.48 -25.01
C PRO A 90 38.41 -11.73 -23.89
N THR A 91 38.56 -11.04 -22.76
CA THR A 91 37.62 -11.20 -21.66
C THR A 91 36.30 -10.48 -22.00
N ILE A 92 36.40 -9.28 -22.62
CA ILE A 92 35.21 -8.52 -23.04
C ILE A 92 34.45 -9.30 -24.10
N LEU A 93 35.18 -9.87 -25.07
CA LEU A 93 34.65 -10.69 -26.14
C LEU A 93 33.95 -11.92 -25.60
N HIS A 94 34.51 -12.53 -24.54
CA HIS A 94 33.93 -13.71 -23.91
C HIS A 94 32.58 -13.37 -23.28
N VAL A 95 32.49 -12.21 -22.60
CA VAL A 95 31.25 -11.77 -21.96
C VAL A 95 30.22 -11.41 -23.02
N HIS A 96 30.66 -10.80 -24.12
CA HIS A 96 29.81 -10.45 -25.26
C HIS A 96 29.23 -11.74 -25.84
N GLU A 97 30.07 -12.76 -26.02
CA GLU A 97 29.71 -14.09 -26.51
C GLU A 97 28.71 -14.76 -25.57
N LEU A 98 28.85 -14.55 -24.23
CA LEU A 98 27.93 -15.08 -23.23
C LEU A 98 26.56 -14.45 -23.39
N TYR A 99 26.49 -13.15 -23.68
CA TYR A 99 25.23 -12.45 -23.90
C TYR A 99 24.56 -12.91 -25.19
N ILE A 100 25.35 -13.20 -26.23
CA ILE A 100 24.80 -13.68 -27.50
C ILE A 100 24.21 -15.09 -27.35
N ARG A 101 24.96 -16.01 -26.71
CA ARG A 101 24.51 -17.38 -26.45
C ARG A 101 23.28 -17.38 -25.53
N ALA A 102 23.19 -16.42 -24.60
CA ALA A 102 22.05 -16.29 -23.70
C ALA A 102 20.80 -15.92 -24.50
N PHE A 103 20.92 -14.94 -25.43
CA PHE A 103 19.81 -14.52 -26.29
C PHE A 103 19.38 -15.68 -27.17
N GLN A 104 20.34 -16.44 -27.72
CA GLN A 104 20.05 -17.61 -28.55
C GLN A 104 19.22 -18.64 -27.76
N LYS A 105 19.71 -19.04 -26.57
CA LYS A 105 19.05 -20.01 -25.69
C LYS A 105 17.63 -19.60 -25.35
N LEU A 106 17.41 -18.32 -25.05
CA LEU A 106 16.09 -17.81 -24.68
C LEU A 106 15.10 -17.74 -25.84
N THR A 107 15.49 -17.17 -26.98
CA THR A 107 14.59 -17.02 -28.14
C THR A 107 14.22 -18.34 -28.82
N ASP A 108 15.12 -19.34 -28.76
CA ASP A 108 14.87 -20.65 -29.36
C ASP A 108 13.71 -21.39 -28.71
N PHE A 109 13.39 -21.06 -27.46
CA PHE A 109 12.29 -21.66 -26.72
C PHE A 109 10.94 -21.28 -27.33
N PRO A 110 10.06 -22.27 -27.54
CA PRO A 110 8.74 -21.99 -28.14
C PRO A 110 7.79 -21.25 -27.19
N PRO A 111 6.84 -20.45 -27.71
CA PRO A 111 5.93 -19.70 -26.82
C PRO A 111 5.19 -20.54 -25.78
N ILE A 112 4.84 -19.90 -24.65
CA ILE A 112 4.15 -20.56 -23.55
C ILE A 112 2.66 -20.65 -23.80
N LYS A 113 2.13 -21.86 -23.82
CA LYS A 113 0.71 -22.08 -24.04
C LYS A 113 0.08 -22.79 -22.85
N ASP A 114 0.76 -23.84 -22.33
CA ASP A 114 0.27 -24.61 -21.19
C ASP A 114 1.28 -24.64 -20.02
N GLN A 115 0.90 -25.27 -18.88
CA GLN A 115 1.75 -25.33 -17.68
C GLN A 115 3.03 -26.19 -17.88
N ALA A 116 3.10 -26.97 -18.97
CA ALA A 116 4.31 -27.71 -19.30
C ALA A 116 5.31 -26.77 -20.00
N ASP A 117 4.79 -25.82 -20.81
CA ASP A 117 5.59 -24.81 -21.50
C ASP A 117 6.13 -23.78 -20.49
N GLU A 118 5.36 -23.48 -19.43
CA GLU A 118 5.75 -22.56 -18.37
C GLU A 118 6.87 -23.18 -17.52
N ALA A 119 6.74 -24.48 -17.23
CA ALA A 119 7.68 -25.23 -16.41
C ALA A 119 9.08 -25.31 -17.00
N GLN A 120 9.19 -25.62 -18.32
CA GLN A 120 10.48 -25.73 -18.98
C GLN A 120 11.20 -24.40 -19.09
N TYR A 121 10.43 -23.29 -19.22
CA TYR A 121 11.04 -21.95 -19.31
C TYR A 121 11.73 -21.59 -18.03
N CYS A 122 11.13 -21.92 -16.87
CA CYS A 122 11.72 -21.64 -15.57
C CYS A 122 13.12 -22.26 -15.41
N GLN A 123 13.38 -23.39 -16.11
CA GLN A 123 14.69 -24.04 -16.08
C GLN A 123 15.72 -23.28 -16.92
N LEU A 124 15.28 -22.63 -18.02
CA LEU A 124 16.14 -21.80 -18.86
C LEU A 124 16.53 -20.54 -18.07
N VAL A 125 15.56 -19.93 -17.38
CA VAL A 125 15.72 -18.75 -16.55
C VAL A 125 16.69 -19.03 -15.41
N ARG A 126 16.57 -20.20 -14.79
CA ARG A 126 17.47 -20.60 -13.72
C ARG A 126 18.88 -20.85 -14.25
N GLN A 127 19.00 -21.38 -15.48
CA GLN A 127 20.30 -21.61 -16.11
C GLN A 127 20.92 -20.28 -16.49
N LEU A 128 20.12 -19.33 -17.00
CA LEU A 128 20.53 -17.96 -17.37
C LEU A 128 21.13 -17.29 -16.16
N LEU A 129 20.48 -17.42 -14.99
CA LEU A 129 20.95 -16.84 -13.75
C LEU A 129 22.28 -17.47 -13.28
N ASP A 130 22.58 -18.71 -13.69
CA ASP A 130 23.85 -19.35 -13.33
C ASP A 130 24.99 -19.15 -14.36
N ASP A 131 24.68 -19.21 -15.66
CA ASP A 131 25.67 -19.01 -16.71
C ASP A 131 26.24 -17.57 -16.69
N HIS A 132 25.45 -16.59 -16.24
CA HIS A 132 25.86 -15.19 -16.19
C HIS A 132 26.23 -14.71 -14.77
N LYS A 133 26.46 -15.63 -13.82
CA LYS A 133 26.78 -15.27 -12.43
C LYS A 133 28.05 -14.41 -12.28
N ASP A 134 29.08 -14.68 -13.10
CA ASP A 134 30.37 -13.99 -13.05
C ASP A 134 30.63 -12.97 -14.19
N VAL A 135 29.58 -12.49 -14.86
CA VAL A 135 29.71 -11.53 -15.96
C VAL A 135 30.40 -10.23 -15.48
N VAL A 136 29.97 -9.64 -14.36
CA VAL A 136 30.55 -8.39 -13.88
C VAL A 136 32.02 -8.53 -13.50
N THR A 137 32.40 -9.66 -12.88
CA THR A 137 33.79 -9.90 -12.50
C THR A 137 34.68 -10.03 -13.73
N LEU A 138 34.18 -10.66 -14.80
CA LEU A 138 34.95 -10.77 -16.04
C LEU A 138 35.00 -9.43 -16.77
N LEU A 139 33.91 -8.68 -16.74
CA LEU A 139 33.80 -7.38 -17.38
C LEU A 139 34.78 -6.38 -16.76
N ALA A 140 34.87 -6.37 -15.43
CA ALA A 140 35.78 -5.47 -14.72
C ALA A 140 37.22 -5.81 -15.04
N GLU A 141 37.55 -7.10 -15.13
CA GLU A 141 38.89 -7.59 -15.46
C GLU A 141 39.26 -7.11 -16.85
N GLY A 142 38.37 -7.32 -17.82
CA GLY A 142 38.58 -6.93 -19.21
C GLY A 142 38.72 -5.44 -19.39
N LEU A 143 37.87 -4.66 -18.71
CA LEU A 143 37.91 -3.20 -18.77
C LEU A 143 39.18 -2.66 -18.12
N ARG A 144 39.63 -3.30 -17.03
CA ARG A 144 40.85 -2.92 -16.32
C ARG A 144 42.02 -3.23 -17.21
N GLU A 145 42.06 -4.39 -17.87
CA GLU A 145 43.15 -4.75 -18.79
C GLU A 145 43.28 -3.75 -19.95
N SER A 146 42.17 -3.09 -20.32
CA SER A 146 42.10 -2.15 -21.41
C SER A 146 42.37 -0.68 -21.02
N ARG A 147 42.79 -0.44 -19.75
CA ARG A 147 43.08 0.88 -19.19
C ARG A 147 43.87 1.79 -20.11
N LYS A 148 44.93 1.26 -20.73
CA LYS A 148 45.80 2.01 -21.62
C LYS A 148 45.06 2.63 -22.79
N HIS A 149 44.02 1.95 -23.28
CA HIS A 149 43.25 2.40 -24.42
C HIS A 149 42.02 3.22 -24.09
N ILE A 150 41.61 3.26 -22.82
CA ILE A 150 40.42 4.02 -22.43
C ILE A 150 40.73 5.51 -22.27
N GLU A 151 40.18 6.33 -23.21
CA GLU A 151 40.36 7.78 -23.26
C GLU A 151 39.28 8.53 -22.48
N ASP A 152 38.01 8.12 -22.65
CA ASP A 152 36.88 8.71 -21.94
C ASP A 152 36.84 8.17 -20.50
N GLU A 153 36.89 9.07 -19.53
CA GLU A 153 36.89 8.73 -18.10
C GLU A 153 35.56 8.09 -17.68
N LYS A 154 34.45 8.63 -18.22
CA LYS A 154 33.10 8.18 -17.95
C LYS A 154 32.77 6.84 -18.58
N LEU A 155 33.48 6.45 -19.65
CA LEU A 155 33.23 5.22 -20.41
C LEU A 155 33.05 3.97 -19.55
N VAL A 156 33.98 3.73 -18.63
CA VAL A 156 33.95 2.57 -17.77
C VAL A 156 32.83 2.67 -16.76
N ARG A 157 32.64 3.85 -16.16
CA ARG A 157 31.58 4.05 -15.16
C ARG A 157 30.21 3.85 -15.78
N TYR A 158 29.95 4.42 -16.95
CA TYR A 158 28.65 4.27 -17.60
C TYR A 158 28.41 2.86 -18.05
N PHE A 159 29.45 2.17 -18.57
CA PHE A 159 29.29 0.79 -19.02
C PHE A 159 28.94 -0.13 -17.87
N LEU A 160 29.65 0.02 -16.72
CA LEU A 160 29.38 -0.82 -15.57
C LEU A 160 28.07 -0.47 -14.90
N ASP A 161 27.70 0.82 -14.86
CA ASP A 161 26.42 1.28 -14.30
C ASP A 161 25.26 0.64 -15.09
N LYS A 162 25.36 0.67 -16.43
CA LYS A 162 24.33 0.12 -17.33
C LYS A 162 24.29 -1.39 -17.26
N THR A 163 25.46 -2.03 -17.11
CA THR A 163 25.50 -3.49 -17.01
C THR A 163 24.86 -3.94 -15.70
N LEU A 164 25.27 -3.34 -14.57
CA LEU A 164 24.79 -3.69 -13.25
C LEU A 164 23.28 -3.45 -13.08
N THR A 165 22.74 -2.37 -13.65
CA THR A 165 21.32 -2.06 -13.56
C THR A 165 20.47 -2.94 -14.45
N SER A 166 20.98 -3.31 -15.64
CA SER A 166 20.24 -4.21 -16.53
C SER A 166 20.13 -5.59 -15.86
N ARG A 167 21.22 -6.04 -15.23
CA ARG A 167 21.28 -7.32 -14.55
C ARG A 167 20.34 -7.34 -13.38
N LEU A 168 20.24 -6.21 -12.63
CA LEU A 168 19.31 -6.09 -11.51
C LEU A 168 17.88 -6.20 -12.04
N GLY A 169 17.60 -5.55 -13.17
CA GLY A 169 16.31 -5.59 -13.85
C GLY A 169 15.93 -6.98 -14.28
N ILE A 170 16.89 -7.72 -14.90
CA ILE A 170 16.69 -9.12 -15.34
C ILE A 170 16.50 -10.03 -14.14
N ARG A 171 17.35 -9.91 -13.12
CA ARG A 171 17.30 -10.69 -11.90
C ARG A 171 16.00 -10.44 -11.15
N MET A 172 15.46 -9.23 -11.22
CA MET A 172 14.21 -8.87 -10.56
C MET A 172 13.08 -9.62 -11.22
N LEU A 173 12.99 -9.57 -12.57
CA LEU A 173 11.94 -10.24 -13.33
C LEU A 173 12.03 -11.75 -13.18
N ALA A 174 13.25 -12.29 -13.31
CA ALA A 174 13.50 -13.72 -13.24
C ALA A 174 13.21 -14.27 -11.84
N THR A 175 13.73 -13.64 -10.77
CA THR A 175 13.48 -14.10 -9.42
C THR A 175 12.01 -13.96 -9.05
N HIS A 176 11.33 -12.90 -9.55
CA HIS A 176 9.92 -12.69 -9.26
C HIS A 176 9.07 -13.81 -9.79
N HIS A 177 9.27 -14.19 -11.05
CA HIS A 177 8.51 -15.27 -11.67
C HIS A 177 8.78 -16.62 -11.04
N LEU A 178 10.05 -16.89 -10.73
CA LEU A 178 10.46 -18.14 -10.08
C LEU A 178 9.84 -18.24 -8.67
N ALA A 179 9.78 -17.10 -7.94
CA ALA A 179 9.20 -17.01 -6.60
C ALA A 179 7.69 -17.12 -6.58
N LEU A 180 7.02 -16.87 -7.71
CA LEU A 180 5.58 -16.99 -7.79
C LEU A 180 5.10 -18.44 -7.58
N HIS A 181 5.98 -19.43 -7.84
CA HIS A 181 5.70 -20.85 -7.66
C HIS A 181 5.70 -21.22 -6.19
N GLU A 182 6.57 -20.61 -5.41
CA GLU A 182 6.67 -20.86 -3.98
C GLU A 182 5.55 -20.13 -3.24
N ASP A 183 5.22 -20.61 -2.04
CA ASP A 183 4.19 -19.96 -1.23
C ASP A 183 4.86 -19.32 -0.02
N LYS A 184 5.83 -18.44 -0.28
CA LYS A 184 6.61 -17.73 0.72
C LYS A 184 5.74 -16.77 1.54
N PRO A 185 5.79 -16.84 2.89
CA PRO A 185 4.96 -15.93 3.70
C PRO A 185 5.41 -14.47 3.61
N ASP A 186 4.40 -13.57 3.57
CA ASP A 186 4.50 -12.11 3.44
C ASP A 186 5.07 -11.66 2.11
N PHE A 187 5.08 -12.51 1.09
CA PHE A 187 5.62 -12.16 -0.21
C PHE A 187 4.72 -12.48 -1.35
N VAL A 188 4.78 -11.66 -2.39
CA VAL A 188 4.10 -11.87 -3.68
C VAL A 188 5.27 -11.82 -4.65
N GLY A 189 5.86 -12.99 -4.89
CA GLY A 189 7.07 -13.08 -5.70
C GLY A 189 8.22 -12.46 -4.92
N ILE A 190 8.81 -11.38 -5.44
CA ILE A 190 9.92 -10.70 -4.74
C ILE A 190 9.47 -9.45 -3.97
N ILE A 191 8.16 -9.15 -3.95
CA ILE A 191 7.65 -8.01 -3.21
C ILE A 191 7.21 -8.50 -1.85
N CYS A 192 7.81 -7.95 -0.81
CA CYS A 192 7.42 -8.25 0.55
C CYS A 192 6.28 -7.30 0.86
N THR A 193 5.15 -7.80 1.31
CA THR A 193 3.99 -6.99 1.63
C THR A 193 4.13 -6.27 3.01
N ARG A 194 4.95 -6.82 3.92
CA ARG A 194 5.14 -6.34 5.29
C ARG A 194 6.62 -6.11 5.62
N LEU A 195 7.41 -5.50 4.71
CA LEU A 195 8.83 -5.30 4.99
C LEU A 195 9.10 -4.35 6.15
N SER A 196 9.94 -4.76 7.12
CA SER A 196 10.33 -3.85 8.20
C SER A 196 11.74 -3.42 7.88
N PRO A 197 11.97 -2.11 7.66
CA PRO A 197 13.36 -1.66 7.42
C PRO A 197 14.30 -1.95 8.59
N LYS A 198 13.80 -1.92 9.83
CA LYS A 198 14.62 -2.26 10.99
C LYS A 198 15.13 -3.69 10.91
N LYS A 199 14.24 -4.65 10.59
CA LYS A 199 14.55 -6.07 10.50
C LYS A 199 15.60 -6.36 9.42
N ILE A 200 15.45 -5.83 8.19
CA ILE A 200 16.41 -6.04 7.11
C ILE A 200 17.78 -5.42 7.44
N ILE A 201 17.79 -4.28 8.15
CA ILE A 201 19.05 -3.69 8.57
C ILE A 201 19.71 -4.63 9.59
N GLU A 202 18.94 -5.06 10.60
CA GLU A 202 19.41 -5.97 11.64
C GLU A 202 20.00 -7.25 11.08
N LYS A 203 19.39 -7.77 10.02
CA LYS A 203 19.79 -8.99 9.31
C LYS A 203 21.24 -8.85 8.80
N TRP A 204 21.59 -7.70 8.22
CA TRP A 204 22.92 -7.51 7.68
C TRP A 204 23.94 -7.02 8.68
N VAL A 205 23.48 -6.46 9.80
CA VAL A 205 24.34 -5.91 10.83
C VAL A 205 25.22 -7.00 11.41
N ASP A 206 24.64 -8.09 11.87
CA ASP A 206 25.42 -9.19 12.46
C ASP A 206 26.32 -9.86 11.42
N PHE A 207 25.87 -9.90 10.16
CA PHE A 207 26.67 -10.47 9.06
C PHE A 207 27.94 -9.60 8.78
N ALA A 208 27.78 -8.26 8.70
CA ALA A 208 28.89 -7.33 8.50
C ALA A 208 29.82 -7.34 9.71
N ARG A 209 29.26 -7.44 10.93
CA ARG A 209 30.08 -7.46 12.13
C ARG A 209 30.95 -8.71 12.17
N ARG A 210 30.46 -9.84 11.67
CA ARG A 210 31.23 -11.09 11.67
C ARG A 210 32.42 -11.00 10.68
N LEU A 211 32.22 -10.31 9.54
CA LEU A 211 33.28 -10.10 8.55
C LEU A 211 34.32 -9.11 9.10
N CYS A 212 33.83 -8.04 9.74
CA CYS A 212 34.66 -6.99 10.32
C CYS A 212 35.52 -7.53 11.47
N GLU A 213 34.91 -8.30 12.38
CA GLU A 213 35.57 -8.94 13.50
C GLU A 213 36.70 -9.83 13.02
N HIS A 214 36.53 -10.48 11.88
CA HIS A 214 37.53 -11.41 11.32
C HIS A 214 38.80 -10.69 10.95
N LYS A 215 38.67 -9.47 10.39
CA LYS A 215 39.84 -8.73 9.98
C LYS A 215 40.43 -7.85 11.07
N TYR A 216 39.57 -7.26 11.92
CA TYR A 216 40.02 -6.28 12.91
C TYR A 216 40.01 -6.74 14.36
N GLY A 217 39.57 -7.96 14.63
CA GLY A 217 39.52 -8.48 15.98
C GLY A 217 38.31 -8.03 16.80
N ASN A 218 37.52 -7.12 16.26
CA ASN A 218 36.34 -6.55 16.89
C ASN A 218 35.55 -5.78 15.82
N ALA A 219 34.32 -5.38 16.14
CA ALA A 219 33.49 -4.62 15.23
C ALA A 219 32.63 -3.63 16.04
N PRO A 220 32.29 -2.47 15.46
CA PRO A 220 31.44 -1.52 16.18
C PRO A 220 30.03 -2.05 16.36
N ARG A 221 29.40 -1.72 17.49
CA ARG A 221 28.01 -2.09 17.71
C ARG A 221 27.15 -1.14 16.83
N VAL A 222 25.97 -1.60 16.39
CA VAL A 222 25.11 -0.77 15.55
C VAL A 222 23.81 -0.37 16.27
N ARG A 223 23.45 0.90 16.23
CA ARG A 223 22.26 1.41 16.88
C ARG A 223 21.27 1.82 15.82
N ILE A 224 20.02 1.33 15.90
CA ILE A 224 19.01 1.72 14.94
C ILE A 224 17.95 2.59 15.62
N ASN A 225 17.63 3.75 15.03
CA ASN A 225 16.64 4.66 15.58
C ASN A 225 15.69 5.22 14.50
N GLY A 226 14.74 6.07 14.86
CA GLY A 226 13.78 6.60 13.89
C GLY A 226 12.54 5.71 13.77
N HIS A 227 12.05 5.55 12.55
CA HIS A 227 10.85 4.77 12.29
C HIS A 227 11.12 3.27 12.35
N VAL A 228 11.49 2.78 13.55
CA VAL A 228 11.87 1.40 13.80
C VAL A 228 10.73 0.38 13.62
N ALA A 229 9.48 0.85 13.79
CA ALA A 229 8.34 -0.04 13.61
C ALA A 229 7.61 0.16 12.27
N ALA A 230 8.24 0.90 11.32
CA ALA A 230 7.66 1.11 10.00
C ALA A 230 7.57 -0.23 9.27
N ARG A 231 6.45 -0.48 8.62
CA ARG A 231 6.24 -1.70 7.87
C ARG A 231 5.49 -1.36 6.63
N PHE A 232 6.01 -1.75 5.47
CA PHE A 232 5.38 -1.41 4.20
C PHE A 232 5.74 -2.38 3.06
N PRO A 233 4.94 -2.43 1.99
CA PRO A 233 5.33 -3.25 0.84
C PRO A 233 6.59 -2.69 0.20
N PHE A 234 7.52 -3.58 -0.14
CA PHE A 234 8.81 -3.19 -0.70
C PHE A 234 9.53 -4.37 -1.31
N ILE A 235 10.48 -4.12 -2.23
CA ILE A 235 11.30 -5.18 -2.81
C ILE A 235 12.66 -5.19 -2.09
N PRO A 236 12.89 -6.20 -1.22
CA PRO A 236 14.16 -6.24 -0.46
C PRO A 236 15.43 -6.57 -1.24
N MET A 237 15.33 -7.24 -2.39
CA MET A 237 16.49 -7.62 -3.21
C MET A 237 17.62 -6.54 -3.33
N PRO A 238 17.32 -5.28 -3.73
CA PRO A 238 18.40 -4.27 -3.80
C PRO A 238 19.01 -3.93 -2.43
N LEU A 239 18.17 -3.89 -1.37
CA LEU A 239 18.62 -3.64 0.01
C LEU A 239 19.56 -4.76 0.50
N ASP A 240 19.35 -5.99 0.02
CA ASP A 240 20.20 -7.10 0.36
C ASP A 240 21.63 -6.94 -0.16
N TYR A 241 21.86 -6.06 -1.15
CA TYR A 241 23.22 -5.78 -1.61
C TYR A 241 23.74 -4.49 -0.95
N ILE A 242 22.98 -3.39 -1.07
CA ILE A 242 23.40 -2.08 -0.59
C ILE A 242 23.75 -2.03 0.89
N LEU A 243 22.84 -2.50 1.77
CA LEU A 243 23.03 -2.50 3.23
C LEU A 243 24.30 -3.21 3.68
N PRO A 244 24.58 -4.48 3.31
CA PRO A 244 25.87 -5.07 3.70
C PRO A 244 27.08 -4.27 3.18
N GLU A 245 27.04 -3.72 1.94
CA GLU A 245 28.16 -2.94 1.43
C GLU A 245 28.39 -1.68 2.21
N LEU A 246 27.31 -0.99 2.59
CA LEU A 246 27.43 0.25 3.34
C LEU A 246 27.81 0.00 4.79
N LEU A 247 27.41 -1.14 5.36
CA LEU A 247 27.77 -1.51 6.72
C LEU A 247 29.23 -1.94 6.79
N LYS A 248 29.70 -2.67 5.77
CA LYS A 248 31.08 -3.09 5.72
C LYS A 248 32.01 -1.85 5.63
N ASN A 249 31.60 -0.84 4.83
CA ASN A 249 32.36 0.40 4.66
C ASN A 249 32.43 1.20 5.95
N ALA A 250 31.29 1.33 6.66
CA ALA A 250 31.21 2.08 7.91
C ALA A 250 32.00 1.41 9.02
N MET A 251 31.94 0.09 9.09
CA MET A 251 32.65 -0.66 10.08
C MET A 251 34.15 -0.68 9.83
N ARG A 252 34.59 -0.80 8.57
CA ARG A 252 36.00 -0.82 8.26
C ARG A 252 36.63 0.54 8.61
N ALA A 253 35.92 1.63 8.26
CA ALA A 253 36.41 2.97 8.54
C ALA A 253 36.51 3.23 10.04
N THR A 254 35.52 2.73 10.82
CA THR A 254 35.53 2.90 12.28
C THR A 254 36.73 2.18 12.91
N MET A 255 37.09 1.02 12.36
CA MET A 255 38.19 0.22 12.89
C MET A 255 39.52 0.77 12.49
N GLU A 256 39.66 1.20 11.23
CA GLU A 256 40.93 1.75 10.77
C GLU A 256 41.27 3.09 11.44
N SER A 257 40.25 3.83 11.92
CA SER A 257 40.48 5.11 12.60
C SER A 257 40.69 4.95 14.13
N HIS A 258 40.34 3.79 14.69
CA HIS A 258 40.53 3.54 16.11
C HIS A 258 41.43 2.34 16.34
N LEU A 259 42.51 2.26 15.57
CA LEU A 259 43.47 1.17 15.64
C LEU A 259 44.16 1.06 16.99
N ASP A 260 44.33 2.18 17.70
CA ASP A 260 44.98 2.17 19.01
C ASP A 260 44.06 1.68 20.14
N THR A 261 42.74 1.78 19.95
CA THR A 261 41.75 1.25 20.90
C THR A 261 40.80 0.35 20.10
N PRO A 262 41.26 -0.82 19.60
CA PRO A 262 40.36 -1.65 18.76
C PRO A 262 39.16 -2.22 19.51
N TYR A 263 39.20 -2.22 20.84
CA TYR A 263 38.06 -2.73 21.60
C TYR A 263 37.13 -1.61 22.08
N ASN A 264 37.59 -0.34 22.05
CA ASN A 264 36.72 0.78 22.37
C ASN A 264 36.49 1.60 21.10
N VAL A 265 35.54 1.18 20.26
CA VAL A 265 35.24 1.87 19.01
C VAL A 265 33.81 2.44 19.06
N PRO A 266 33.58 3.61 18.40
CA PRO A 266 32.24 4.21 18.44
C PRO A 266 31.21 3.44 17.64
N ASP A 267 29.95 3.50 18.08
CA ASP A 267 28.84 2.84 17.42
C ASP A 267 28.52 3.45 16.06
N VAL A 268 27.96 2.64 15.18
CA VAL A 268 27.49 3.09 13.87
C VAL A 268 25.99 3.30 14.09
N VAL A 269 25.49 4.50 13.80
CA VAL A 269 24.09 4.80 14.05
C VAL A 269 23.29 4.90 12.77
N ILE A 270 22.29 4.01 12.64
CA ILE A 270 21.40 3.93 11.48
C ILE A 270 20.05 4.51 11.83
N THR A 271 19.59 5.46 11.03
CA THR A 271 18.30 6.12 11.24
C THR A 271 17.39 5.76 10.10
N ILE A 272 16.15 5.39 10.42
CA ILE A 272 15.16 5.07 9.42
C ILE A 272 14.18 6.21 9.38
N ALA A 273 13.94 6.76 8.18
CA ALA A 273 12.96 7.83 8.00
C ALA A 273 12.03 7.32 6.91
N ASN A 274 10.82 6.97 7.28
CA ASN A 274 9.82 6.47 6.36
C ASN A 274 8.72 7.52 6.22
N ASN A 275 8.59 8.07 5.02
CA ASN A 275 7.57 9.04 4.72
C ASN A 275 6.73 8.51 3.55
N ASP A 276 5.74 9.28 3.07
CA ASP A 276 4.85 8.80 2.01
C ASP A 276 5.51 8.77 0.61
N VAL A 277 6.63 9.48 0.43
CA VAL A 277 7.32 9.49 -0.85
C VAL A 277 8.42 8.43 -0.93
N ASP A 278 9.33 8.42 0.04
CA ASP A 278 10.46 7.49 0.01
C ASP A 278 10.83 6.91 1.39
N LEU A 279 11.77 5.98 1.38
CA LEU A 279 12.34 5.37 2.57
C LEU A 279 13.79 5.90 2.60
N ILE A 280 14.22 6.48 3.72
CA ILE A 280 15.57 6.98 3.86
C ILE A 280 16.27 6.19 4.97
N ILE A 281 17.43 5.64 4.66
CA ILE A 281 18.25 4.95 5.64
C ILE A 281 19.54 5.75 5.73
N ARG A 282 19.84 6.35 6.90
CA ARG A 282 21.06 7.12 7.08
C ARG A 282 22.00 6.29 7.91
N ILE A 283 23.21 6.03 7.40
CA ILE A 283 24.20 5.26 8.13
C ILE A 283 25.31 6.21 8.53
N SER A 284 25.33 6.60 9.82
CA SER A 284 26.31 7.53 10.35
C SER A 284 27.41 6.84 11.18
N ASP A 285 28.66 6.99 10.76
CA ASP A 285 29.79 6.37 11.45
C ASP A 285 30.76 7.43 11.95
N ARG A 286 31.61 7.06 12.92
CA ARG A 286 32.63 7.97 13.41
C ARG A 286 33.99 7.40 13.01
N GLY A 287 34.14 7.15 11.71
CA GLY A 287 35.32 6.53 11.13
C GLY A 287 36.31 7.46 10.44
N GLY A 288 36.32 8.72 10.85
CA GLY A 288 37.26 9.70 10.31
C GLY A 288 36.86 10.39 9.04
N GLY A 289 35.85 9.87 8.35
CA GLY A 289 35.37 10.48 7.12
C GLY A 289 36.17 10.10 5.90
N ILE A 290 35.74 10.60 4.73
CA ILE A 290 36.40 10.39 3.44
C ILE A 290 37.26 11.63 3.15
N ALA A 291 38.59 11.45 3.01
CA ALA A 291 39.52 12.54 2.76
C ALA A 291 39.15 13.39 1.56
N HIS A 292 39.42 14.68 1.63
CA HIS A 292 39.09 15.61 0.53
C HIS A 292 39.64 15.18 -0.82
N LYS A 293 40.87 14.62 -0.84
CA LYS A 293 41.52 14.15 -2.07
C LYS A 293 40.83 12.92 -2.69
N ASP A 294 40.27 12.03 -1.85
CA ASP A 294 39.59 10.82 -2.29
C ASP A 294 38.10 11.03 -2.54
N LEU A 295 37.52 12.14 -2.07
CA LEU A 295 36.10 12.45 -2.16
C LEU A 295 35.50 12.33 -3.57
N ASP A 296 36.25 12.69 -4.62
CA ASP A 296 35.73 12.57 -5.99
C ASP A 296 36.04 11.21 -6.65
N ARG A 297 36.88 10.39 -6.04
CA ARG A 297 37.23 9.09 -6.58
C ARG A 297 36.44 7.95 -5.94
N VAL A 298 35.81 8.16 -4.76
CA VAL A 298 35.11 7.09 -4.05
C VAL A 298 33.99 6.45 -4.88
N MET A 299 33.33 7.22 -5.74
CA MET A 299 32.25 6.70 -6.56
C MET A 299 32.72 6.07 -7.89
N ASP A 300 34.03 5.90 -8.07
CA ASP A 300 34.59 5.31 -9.27
C ASP A 300 34.80 3.83 -9.05
N TYR A 301 34.57 3.02 -10.09
CA TYR A 301 34.77 1.58 -9.99
C TYR A 301 36.25 1.28 -9.85
N HIS A 302 36.59 0.35 -8.96
CA HIS A 302 37.94 -0.10 -8.63
C HIS A 302 38.68 0.79 -7.61
N PHE A 303 38.21 2.03 -7.35
CA PHE A 303 38.88 2.87 -6.36
C PHE A 303 38.65 2.35 -4.96
N THR A 304 39.75 2.05 -4.27
CA THR A 304 39.76 1.59 -2.89
C THR A 304 41.00 2.11 -2.16
N THR A 305 40.93 2.18 -0.84
CA THR A 305 42.07 2.59 -0.02
C THR A 305 42.47 1.42 0.91
N ALA A 306 42.34 0.16 0.44
CA ALA A 306 42.64 -1.02 1.23
C ALA A 306 43.99 -1.67 0.89
N PRO A 332 35.53 -10.98 0.75
CA PRO A 332 36.72 -10.50 1.46
C PRO A 332 36.57 -9.07 1.99
N MET A 333 35.32 -8.61 2.18
CA MET A 333 34.97 -7.28 2.69
C MET A 333 35.37 -6.12 1.69
N HIS A 334 36.65 -5.71 1.67
CA HIS A 334 37.12 -4.60 0.84
C HIS A 334 38.32 -5.00 -0.08
N GLY A 335 38.85 -4.04 -0.84
CA GLY A 335 39.92 -4.27 -1.82
C GLY A 335 39.31 -4.60 -3.18
N PHE A 336 38.18 -3.95 -3.50
CA PHE A 336 37.44 -4.17 -4.73
C PHE A 336 37.04 -2.86 -5.39
N GLY A 337 36.55 -1.90 -4.62
CA GLY A 337 36.13 -0.63 -5.19
C GLY A 337 34.80 -0.68 -5.92
N PHE A 338 33.95 -1.63 -5.56
CA PHE A 338 32.65 -1.80 -6.19
C PHE A 338 31.47 -1.40 -5.34
N GLY A 339 31.59 -1.54 -4.03
CA GLY A 339 30.54 -1.23 -3.06
C GLY A 339 29.77 0.07 -3.28
N LEU A 340 30.46 1.21 -3.33
CA LEU A 340 29.81 2.51 -3.51
C LEU A 340 29.22 2.74 -4.90
N PRO A 341 29.97 2.58 -6.01
CA PRO A 341 29.36 2.83 -7.33
C PRO A 341 28.22 1.88 -7.68
N THR A 342 28.30 0.62 -7.22
CA THR A 342 27.21 -0.33 -7.48
C THR A 342 25.97 0.07 -6.70
N SER A 343 26.16 0.44 -5.42
CA SER A 343 25.04 0.85 -4.57
C SER A 343 24.36 2.10 -5.10
N ARG A 344 25.11 3.08 -5.65
CA ARG A 344 24.48 4.28 -6.21
C ARG A 344 23.71 3.95 -7.47
N ALA A 345 24.29 3.13 -8.38
CA ALA A 345 23.63 2.69 -9.63
C ALA A 345 22.34 1.96 -9.30
N TYR A 346 22.37 1.13 -8.25
CA TYR A 346 21.23 0.40 -7.74
C TYR A 346 20.15 1.38 -7.25
N ALA A 347 20.50 2.31 -6.33
CA ALA A 347 19.56 3.27 -5.76
C ALA A 347 18.92 4.14 -6.80
N GLU A 348 19.69 4.62 -7.77
CA GLU A 348 19.18 5.48 -8.83
C GLU A 348 18.29 4.74 -9.80
N TYR A 349 18.62 3.48 -10.14
CA TYR A 349 17.78 2.66 -11.00
C TYR A 349 16.38 2.48 -10.41
N LEU A 350 16.29 2.44 -9.09
CA LEU A 350 15.05 2.25 -8.35
C LEU A 350 14.40 3.57 -7.88
N GLY A 351 14.65 4.65 -8.62
CA GLY A 351 14.10 5.98 -8.36
C GLY A 351 14.52 6.62 -7.06
N GLY A 352 15.69 6.26 -6.57
CA GLY A 352 16.22 6.77 -5.34
C GLY A 352 17.57 7.42 -5.51
N SER A 353 18.38 7.44 -4.45
CA SER A 353 19.68 8.09 -4.47
C SER A 353 20.60 7.55 -3.38
N LEU A 354 21.90 7.79 -3.53
CA LEU A 354 22.88 7.43 -2.52
C LEU A 354 23.75 8.63 -2.39
N GLN A 355 23.65 9.33 -1.26
CA GLN A 355 24.40 10.55 -1.05
C GLN A 355 25.37 10.43 0.13
N LEU A 356 26.58 10.96 -0.03
CA LEU A 356 27.59 10.88 1.02
C LEU A 356 27.87 12.25 1.63
N GLN A 357 28.02 12.32 2.95
CA GLN A 357 28.32 13.57 3.62
C GLN A 357 29.51 13.31 4.51
N SER A 358 30.70 13.75 4.08
CA SER A 358 31.90 13.50 4.84
C SER A 358 32.26 14.63 5.78
N LEU A 359 32.51 14.28 7.05
CA LEU A 359 32.95 15.18 8.10
C LEU A 359 34.37 14.74 8.40
N GLN A 360 35.34 15.21 7.60
CA GLN A 360 36.73 14.82 7.67
C GLN A 360 37.28 15.05 9.07
N GLY A 361 37.83 13.99 9.65
CA GLY A 361 38.34 14.02 11.02
C GLY A 361 37.38 13.47 12.05
N ILE A 362 36.09 13.29 11.67
CA ILE A 362 35.07 12.80 12.57
C ILE A 362 34.40 11.53 12.00
N GLY A 363 33.72 11.64 10.85
CA GLY A 363 33.04 10.49 10.27
C GLY A 363 32.32 10.82 8.98
N THR A 364 31.40 9.96 8.59
CA THR A 364 30.64 10.11 7.36
C THR A 364 29.18 9.74 7.63
N ASP A 365 28.26 10.38 6.92
CA ASP A 365 26.86 10.04 6.95
C ASP A 365 26.53 9.61 5.51
N VAL A 366 25.95 8.42 5.35
CA VAL A 366 25.58 7.90 4.04
C VAL A 366 24.08 7.83 3.97
N TYR A 367 23.48 8.50 3.00
CA TYR A 367 22.04 8.58 2.87
C TYR A 367 21.53 7.77 1.71
N LEU A 368 20.86 6.65 1.99
CA LEU A 368 20.24 5.81 0.98
C LEU A 368 18.77 6.12 0.91
N ARG A 369 18.29 6.57 -0.25
CA ARG A 369 16.87 6.85 -0.45
C ARG A 369 16.31 5.92 -1.51
N LEU A 370 15.15 5.33 -1.25
CA LEU A 370 14.50 4.43 -2.19
C LEU A 370 13.02 4.80 -2.26
N ARG A 371 12.52 5.03 -3.47
CA ARG A 371 11.14 5.45 -3.71
C ARG A 371 10.17 4.32 -3.32
N HIS A 372 9.07 4.68 -2.68
CA HIS A 372 8.09 3.71 -2.22
C HIS A 372 7.32 3.06 -3.36
N ILE A 373 6.75 1.86 -3.09
CA ILE A 373 5.95 1.12 -4.05
C ILE A 373 4.51 1.64 -3.94
N ASP A 374 4.00 2.21 -5.04
CA ASP A 374 2.65 2.78 -5.20
C ASP A 374 2.67 4.21 -5.79
N GLY A 375 2.02 4.36 -6.95
CA GLY A 375 1.94 5.63 -7.66
C GLY A 375 0.54 6.21 -7.68
N GLN B 26 -40.32 28.04 -2.87
CA GLN B 26 -39.91 26.71 -3.33
C GLN B 26 -41.02 25.67 -3.13
N SER B 27 -42.17 25.90 -3.76
CA SER B 27 -43.38 25.10 -3.74
C SER B 27 -43.19 23.67 -4.24
N ALA B 28 -42.18 23.44 -5.08
CA ALA B 28 -41.91 22.11 -5.63
C ALA B 28 -41.45 21.14 -4.54
N ILE B 29 -40.67 21.64 -3.57
CA ILE B 29 -40.17 20.81 -2.46
C ILE B 29 -41.33 20.44 -1.54
N ASP B 30 -42.27 21.39 -1.31
CA ASP B 30 -43.46 21.19 -0.46
C ASP B 30 -44.22 19.91 -0.82
N ALA B 31 -44.45 19.65 -2.12
CA ALA B 31 -45.18 18.45 -2.54
C ALA B 31 -44.38 17.15 -2.36
N ALA B 32 -43.09 17.18 -2.71
CA ALA B 32 -42.21 16.01 -2.61
C ALA B 32 -41.90 15.60 -1.18
N ALA B 33 -42.06 16.51 -0.21
CA ALA B 33 -41.86 16.22 1.21
C ALA B 33 -42.97 15.31 1.74
N GLU B 34 -44.21 15.55 1.27
CA GLU B 34 -45.38 14.76 1.64
C GLU B 34 -45.39 13.42 0.87
N LYS B 35 -44.85 13.40 -0.37
CA LYS B 35 -44.75 12.19 -1.21
C LYS B 35 -44.02 11.07 -0.45
N PRO B 36 -44.64 9.89 -0.33
CA PRO B 36 -44.02 8.81 0.45
C PRO B 36 -42.79 8.19 -0.16
N SER B 37 -41.89 7.69 0.69
CA SER B 37 -40.67 7.05 0.22
C SER B 37 -40.92 5.62 -0.23
N VAL B 38 -40.43 5.25 -1.42
CA VAL B 38 -40.59 3.90 -1.95
C VAL B 38 -39.27 3.15 -1.76
N ARG B 39 -39.10 2.55 -0.58
CA ARG B 39 -37.86 1.87 -0.25
C ARG B 39 -37.72 0.57 -1.00
N LEU B 40 -36.48 0.22 -1.31
CA LEU B 40 -36.19 -0.99 -2.05
C LEU B 40 -35.73 -2.11 -1.11
N THR B 41 -36.03 -3.38 -1.50
CA THR B 41 -35.59 -4.53 -0.71
C THR B 41 -34.31 -5.07 -1.35
N PRO B 42 -33.25 -5.36 -0.55
CA PRO B 42 -32.01 -5.89 -1.13
C PRO B 42 -32.22 -7.13 -2.01
N THR B 43 -33.20 -7.94 -1.66
CA THR B 43 -33.55 -9.16 -2.39
C THR B 43 -34.13 -8.80 -3.77
N MET B 44 -34.96 -7.74 -3.84
CA MET B 44 -35.58 -7.25 -5.08
C MET B 44 -34.50 -6.69 -6.01
N MET B 45 -33.54 -5.94 -5.44
CA MET B 45 -32.45 -5.26 -6.14
C MET B 45 -31.69 -6.13 -7.14
N LEU B 46 -31.68 -7.44 -6.91
CA LEU B 46 -31.03 -8.39 -7.79
C LEU B 46 -31.92 -8.71 -9.00
N TYR B 47 -32.34 -7.65 -9.73
CA TYR B 47 -33.18 -7.73 -10.93
C TYR B 47 -32.41 -7.28 -12.17
N GLY B 54 -30.02 -3.63 -22.92
CA GLY B 54 -29.80 -3.26 -21.53
C GLY B 54 -31.00 -2.57 -20.92
N SER B 55 -32.18 -3.19 -21.06
CA SER B 55 -33.46 -2.65 -20.57
C SER B 55 -33.58 -2.60 -19.04
N HIS B 56 -32.73 -3.37 -18.33
CA HIS B 56 -32.72 -3.34 -16.87
C HIS B 56 -32.06 -2.05 -16.37
N LEU B 57 -31.17 -1.42 -17.19
CA LEU B 57 -30.49 -0.17 -16.85
C LEU B 57 -31.49 0.98 -16.85
N LEU B 58 -32.39 1.01 -17.85
CA LEU B 58 -33.40 2.05 -17.96
C LEU B 58 -34.41 1.97 -16.81
N LYS B 59 -34.84 0.75 -16.47
CA LYS B 59 -35.83 0.46 -15.42
C LYS B 59 -35.33 0.97 -14.06
N SER B 60 -34.03 0.78 -13.79
CA SER B 60 -33.37 1.18 -12.56
C SER B 60 -33.17 2.69 -12.50
N ALA B 61 -32.76 3.30 -13.62
CA ALA B 61 -32.52 4.74 -13.69
C ALA B 61 -33.81 5.52 -13.56
N ARG B 62 -34.90 5.00 -14.13
CA ARG B 62 -36.20 5.62 -14.02
C ARG B 62 -36.68 5.61 -12.56
N TYR B 63 -36.32 4.58 -11.80
CA TYR B 63 -36.67 4.49 -10.38
C TYR B 63 -35.86 5.52 -9.61
N LEU B 64 -34.54 5.58 -9.86
CA LEU B 64 -33.60 6.51 -9.22
C LEU B 64 -33.99 7.97 -9.48
N GLN B 65 -34.52 8.27 -10.68
CA GLN B 65 -34.95 9.62 -11.01
C GLN B 65 -36.19 10.01 -10.22
N GLN B 66 -37.12 9.07 -10.04
CA GLN B 66 -38.34 9.31 -9.27
C GLN B 66 -38.15 9.14 -7.74
N GLU B 67 -37.00 8.59 -7.31
CA GLU B 67 -36.72 8.33 -5.91
C GLU B 67 -35.80 9.36 -5.23
N LEU B 68 -34.64 9.67 -5.84
CA LEU B 68 -33.68 10.63 -5.28
C LEU B 68 -34.32 11.96 -4.79
N PRO B 69 -35.15 12.66 -5.60
CA PRO B 69 -35.73 13.92 -5.12
C PRO B 69 -36.64 13.80 -3.90
N VAL B 70 -37.33 12.66 -3.72
CA VAL B 70 -38.18 12.45 -2.55
C VAL B 70 -37.31 12.31 -1.31
N ARG B 71 -36.20 11.57 -1.43
CA ARG B 71 -35.27 11.39 -0.32
C ARG B 71 -34.65 12.74 0.08
N ILE B 72 -34.29 13.57 -0.91
CA ILE B 72 -33.73 14.90 -0.67
C ILE B 72 -34.77 15.78 0.01
N ALA B 73 -36.02 15.78 -0.49
CA ALA B 73 -37.12 16.58 0.08
C ALA B 73 -37.46 16.18 1.50
N HIS B 74 -37.40 14.89 1.81
CA HIS B 74 -37.66 14.41 3.16
C HIS B 74 -36.65 15.01 4.16
N ARG B 75 -35.40 15.18 3.71
CA ARG B 75 -34.37 15.79 4.53
C ARG B 75 -34.56 17.29 4.62
N ILE B 76 -35.00 17.95 3.53
CA ILE B 76 -35.32 19.38 3.55
C ILE B 76 -36.44 19.65 4.58
N LYS B 77 -37.39 18.71 4.72
CA LYS B 77 -38.45 18.76 5.71
C LYS B 77 -37.87 18.77 7.12
N GLY B 78 -36.81 18.00 7.34
CA GLY B 78 -36.08 17.93 8.61
C GLY B 78 -35.38 19.24 8.97
N PHE B 79 -34.81 19.92 7.97
CA PHE B 79 -34.18 21.23 8.16
C PHE B 79 -35.25 22.27 8.46
N ARG B 80 -36.39 22.19 7.77
CA ARG B 80 -37.52 23.09 7.98
C ARG B 80 -38.15 22.90 9.35
N CYS B 81 -38.03 21.71 9.93
CA CYS B 81 -38.57 21.38 11.24
C CYS B 81 -37.60 21.65 12.40
N LEU B 82 -36.33 21.98 12.11
CA LEU B 82 -35.37 22.38 13.15
C LEU B 82 -35.86 23.67 13.83
N PRO B 83 -35.54 23.93 15.11
CA PRO B 83 -35.94 25.21 15.71
C PRO B 83 -35.30 26.37 14.95
N PHE B 84 -36.01 27.48 14.82
CA PHE B 84 -35.57 28.64 14.06
C PHE B 84 -34.15 29.10 14.35
N ILE B 85 -33.80 29.25 15.64
CA ILE B 85 -32.48 29.71 16.05
C ILE B 85 -31.35 28.82 15.55
N ILE B 86 -31.59 27.49 15.44
CA ILE B 86 -30.62 26.52 14.95
C ILE B 86 -30.59 26.52 13.42
N GLY B 87 -31.75 26.50 12.79
CA GLY B 87 -31.83 26.53 11.34
C GLY B 87 -31.23 27.77 10.72
N CYS B 88 -31.12 28.86 11.51
CA CYS B 88 -30.56 30.14 11.12
C CYS B 88 -29.05 30.19 11.15
N ASN B 89 -28.37 29.18 11.73
CA ASN B 89 -26.90 29.17 11.78
C ASN B 89 -26.37 29.15 10.36
N PRO B 90 -25.43 30.05 10.04
CA PRO B 90 -24.94 30.14 8.65
C PRO B 90 -24.44 28.83 8.04
N THR B 91 -23.87 27.95 8.86
CA THR B 91 -23.40 26.66 8.36
C THR B 91 -24.59 25.73 8.12
N ILE B 92 -25.60 25.76 9.04
CA ILE B 92 -26.81 24.95 8.89
C ILE B 92 -27.58 25.41 7.65
N LEU B 93 -27.70 26.74 7.47
CA LEU B 93 -28.37 27.36 6.34
C LEU B 93 -27.69 26.99 5.04
N HIS B 94 -26.35 26.92 5.04
CA HIS B 94 -25.59 26.54 3.86
C HIS B 94 -25.89 25.10 3.45
N VAL B 95 -25.96 24.18 4.42
CA VAL B 95 -26.27 22.78 4.16
C VAL B 95 -27.71 22.63 3.68
N HIS B 96 -28.63 23.41 4.25
CA HIS B 96 -30.03 23.45 3.87
C HIS B 96 -30.13 23.90 2.41
N GLU B 97 -29.38 24.96 2.05
CA GLU B 97 -29.30 25.50 0.70
C GLU B 97 -28.74 24.46 -0.26
N LEU B 98 -27.76 23.64 0.19
CA LEU B 98 -27.18 22.57 -0.62
C LEU B 98 -28.24 21.52 -0.94
N TYR B 99 -29.10 21.19 0.03
CA TYR B 99 -30.18 20.21 -0.16
C TYR B 99 -31.24 20.76 -1.13
N ILE B 100 -31.52 22.06 -1.06
CA ILE B 100 -32.49 22.69 -1.97
C ILE B 100 -31.97 22.69 -3.41
N ARG B 101 -30.72 23.14 -3.61
CA ARG B 101 -30.08 23.17 -4.93
C ARG B 101 -29.94 21.75 -5.51
N ALA B 102 -29.75 20.74 -4.65
CA ALA B 102 -29.67 19.34 -5.07
C ALA B 102 -31.02 18.88 -5.63
N PHE B 103 -32.12 19.20 -4.92
CA PHE B 103 -33.46 18.85 -5.35
C PHE B 103 -33.77 19.55 -6.67
N GLN B 104 -33.38 20.83 -6.81
CA GLN B 104 -33.59 21.59 -8.04
C GLN B 104 -32.89 20.89 -9.22
N LYS B 105 -31.58 20.59 -9.07
CA LYS B 105 -30.76 19.93 -10.08
C LYS B 105 -31.36 18.60 -10.56
N LEU B 106 -31.85 17.75 -9.63
CA LEU B 106 -32.43 16.45 -9.98
C LEU B 106 -33.77 16.56 -10.69
N THR B 107 -34.72 17.35 -10.13
CA THR B 107 -36.08 17.46 -10.68
C THR B 107 -36.12 18.13 -12.06
N ASP B 108 -35.18 19.05 -12.32
CA ASP B 108 -35.12 19.74 -13.60
C ASP B 108 -34.82 18.82 -14.79
N PHE B 109 -34.17 17.66 -14.52
CA PHE B 109 -33.82 16.70 -15.56
C PHE B 109 -35.06 16.03 -16.15
N PRO B 110 -35.17 16.00 -17.50
CA PRO B 110 -36.34 15.36 -18.12
C PRO B 110 -36.37 13.85 -17.91
N PRO B 111 -37.57 13.22 -17.85
CA PRO B 111 -37.62 11.77 -17.62
C PRO B 111 -36.77 10.91 -18.57
N ILE B 112 -36.37 9.73 -18.09
CA ILE B 112 -35.54 8.80 -18.84
C ILE B 112 -36.37 7.97 -19.81
N LYS B 113 -36.06 8.08 -21.10
CA LYS B 113 -36.77 7.33 -22.12
C LYS B 113 -35.82 6.40 -22.87
N ASP B 114 -34.62 6.92 -23.24
CA ASP B 114 -33.63 6.13 -23.96
C ASP B 114 -32.27 6.08 -23.23
N GLN B 115 -31.29 5.31 -23.76
CA GLN B 115 -29.96 5.16 -23.14
C GLN B 115 -29.13 6.45 -23.13
N ALA B 116 -29.55 7.48 -23.89
CA ALA B 116 -28.89 8.78 -23.85
C ALA B 116 -29.40 9.55 -22.62
N ASP B 117 -30.70 9.39 -22.28
CA ASP B 117 -31.32 10.00 -21.10
C ASP B 117 -30.80 9.37 -19.82
N GLU B 118 -30.50 8.05 -19.85
CA GLU B 118 -29.96 7.31 -18.72
C GLU B 118 -28.51 7.75 -18.47
N ALA B 119 -27.73 7.93 -19.54
CA ALA B 119 -26.32 8.29 -19.48
C ALA B 119 -26.07 9.66 -18.86
N GLN B 120 -26.86 10.68 -19.25
CA GLN B 120 -26.69 12.04 -18.73
C GLN B 120 -27.10 12.15 -17.27
N TYR B 121 -28.12 11.39 -16.85
CA TYR B 121 -28.56 11.40 -15.44
C TYR B 121 -27.48 10.80 -14.53
N CYS B 122 -26.67 9.85 -15.04
CA CYS B 122 -25.57 9.26 -14.29
C CYS B 122 -24.55 10.34 -13.87
N GLN B 123 -24.37 11.37 -14.72
CA GLN B 123 -23.44 12.45 -14.48
C GLN B 123 -23.97 13.44 -13.43
N LEU B 124 -25.31 13.61 -13.36
CA LEU B 124 -25.95 14.48 -12.36
C LEU B 124 -25.84 13.81 -10.99
N VAL B 125 -26.08 12.50 -10.93
CA VAL B 125 -25.99 11.71 -9.70
C VAL B 125 -24.56 11.77 -9.18
N ARG B 126 -23.58 11.55 -10.08
CA ARG B 126 -22.17 11.61 -9.69
C ARG B 126 -21.79 13.00 -9.18
N GLN B 127 -22.38 14.07 -9.76
CA GLN B 127 -22.11 15.43 -9.32
C GLN B 127 -22.67 15.66 -7.93
N LEU B 128 -23.88 15.16 -7.63
CA LEU B 128 -24.43 15.34 -6.28
C LEU B 128 -23.77 14.49 -5.20
N LEU B 129 -22.92 13.54 -5.59
CA LEU B 129 -22.18 12.74 -4.63
C LEU B 129 -20.93 13.52 -4.15
N ASP B 130 -20.33 14.35 -5.02
CA ASP B 130 -19.17 15.18 -4.68
C ASP B 130 -19.56 16.49 -4.02
N ASP B 131 -20.79 16.99 -4.29
CA ASP B 131 -21.29 18.24 -3.71
C ASP B 131 -21.64 18.00 -2.24
N HIS B 132 -22.35 16.91 -1.97
CA HIS B 132 -22.80 16.53 -0.64
C HIS B 132 -21.74 15.84 0.22
N LYS B 133 -20.51 15.62 -0.30
CA LYS B 133 -19.43 14.93 0.42
C LYS B 133 -19.22 15.45 1.85
N ASP B 134 -19.13 16.77 2.00
CA ASP B 134 -18.87 17.35 3.30
C ASP B 134 -20.11 17.85 4.07
N VAL B 135 -21.31 17.35 3.74
CA VAL B 135 -22.54 17.79 4.40
C VAL B 135 -22.51 17.48 5.92
N VAL B 136 -22.13 16.27 6.31
CA VAL B 136 -22.12 15.90 7.73
C VAL B 136 -21.10 16.70 8.54
N THR B 137 -19.94 16.96 7.95
CA THR B 137 -18.90 17.74 8.63
C THR B 137 -19.36 19.17 8.86
N LEU B 138 -20.09 19.76 7.90
CA LEU B 138 -20.61 21.11 8.06
C LEU B 138 -21.78 21.13 9.05
N LEU B 139 -22.61 20.10 9.00
CA LEU B 139 -23.76 19.96 9.89
C LEU B 139 -23.33 19.86 11.34
N ALA B 140 -22.29 19.06 11.62
CA ALA B 140 -21.78 18.88 12.98
C ALA B 140 -21.21 20.18 13.51
N GLU B 141 -20.49 20.94 12.65
CA GLU B 141 -19.90 22.24 12.99
C GLU B 141 -21.01 23.20 13.38
N GLY B 142 -22.05 23.30 12.54
CA GLY B 142 -23.17 24.20 12.74
C GLY B 142 -23.96 23.87 13.99
N LEU B 143 -24.21 22.58 14.21
CA LEU B 143 -24.95 22.12 15.39
C LEU B 143 -24.16 22.36 16.66
N ARG B 144 -22.83 22.18 16.59
CA ARG B 144 -21.93 22.39 17.71
C ARG B 144 -21.89 23.87 18.04
N GLU B 145 -21.80 24.75 17.03
CA GLU B 145 -21.82 26.20 17.22
C GLU B 145 -23.11 26.68 17.90
N SER B 146 -24.21 25.93 17.71
CA SER B 146 -25.52 26.26 18.26
C SER B 146 -25.81 25.65 19.64
N ARG B 147 -24.81 25.03 20.28
CA ARG B 147 -24.88 24.39 21.61
C ARG B 147 -25.67 25.21 22.63
N LYS B 148 -25.39 26.53 22.73
CA LYS B 148 -26.03 27.43 23.67
C LYS B 148 -27.54 27.46 23.53
N HIS B 149 -28.04 27.30 22.30
CA HIS B 149 -29.46 27.35 22.03
C HIS B 149 -30.17 26.01 22.03
N ILE B 150 -29.44 24.89 22.04
CA ILE B 150 -30.07 23.58 22.01
C ILE B 150 -30.56 23.15 23.40
N GLU B 151 -31.91 23.09 23.53
CA GLU B 151 -32.65 22.73 24.74
C GLU B 151 -32.93 21.23 24.83
N ASP B 152 -33.37 20.61 23.73
CA ASP B 152 -33.64 19.18 23.68
C ASP B 152 -32.31 18.43 23.51
N GLU B 153 -32.00 17.53 24.43
CA GLU B 153 -30.75 16.77 24.43
C GLU B 153 -30.67 15.81 23.22
N LYS B 154 -31.82 15.19 22.90
CA LYS B 154 -31.97 14.24 21.81
C LYS B 154 -31.94 14.90 20.45
N LEU B 155 -32.23 16.20 20.35
CA LEU B 155 -32.31 16.95 19.09
C LEU B 155 -31.13 16.73 18.17
N VAL B 156 -29.91 16.87 18.68
CA VAL B 156 -28.71 16.71 17.87
C VAL B 156 -28.50 15.26 17.46
N ARG B 157 -28.70 14.33 18.40
CA ARG B 157 -28.53 12.91 18.11
C ARG B 157 -29.52 12.43 17.05
N TYR B 158 -30.80 12.79 17.17
CA TYR B 158 -31.80 12.38 16.19
C TYR B 158 -31.58 13.03 14.85
N PHE B 159 -31.16 14.30 14.83
CA PHE B 159 -30.92 14.99 13.55
C PHE B 159 -29.77 14.35 12.81
N LEU B 160 -28.67 14.05 13.52
CA LEU B 160 -27.52 13.42 12.88
C LEU B 160 -27.79 11.98 12.50
N ASP B 161 -28.54 11.23 13.33
CA ASP B 161 -28.92 9.85 13.03
C ASP B 161 -29.75 9.80 11.74
N LYS B 162 -30.72 10.73 11.60
CA LYS B 162 -31.58 10.80 10.43
C LYS B 162 -30.84 11.28 9.20
N THR B 163 -29.89 12.21 9.38
CA THR B 163 -29.09 12.69 8.25
C THR B 163 -28.18 11.58 7.73
N LEU B 164 -27.44 10.93 8.62
CA LEU B 164 -26.50 9.87 8.29
C LEU B 164 -27.17 8.66 7.64
N THR B 165 -28.37 8.26 8.11
CA THR B 165 -29.09 7.12 7.54
C THR B 165 -29.72 7.45 6.20
N SER B 166 -30.27 8.65 6.04
CA SER B 166 -30.85 9.07 4.76
C SER B 166 -29.75 9.17 3.71
N ARG B 167 -28.56 9.66 4.09
CA ARG B 167 -27.43 9.77 3.21
C ARG B 167 -26.86 8.40 2.87
N LEU B 168 -26.88 7.45 3.82
CA LEU B 168 -26.42 6.09 3.54
C LEU B 168 -27.38 5.44 2.53
N GLY B 169 -28.68 5.61 2.75
CA GLY B 169 -29.70 5.08 1.85
C GLY B 169 -29.59 5.68 0.47
N ILE B 170 -29.36 6.98 0.38
CA ILE B 170 -29.20 7.65 -0.92
C ILE B 170 -27.95 7.12 -1.61
N ARG B 171 -26.84 7.05 -0.86
CA ARG B 171 -25.56 6.53 -1.36
C ARG B 171 -25.73 5.10 -1.86
N MET B 172 -26.57 4.32 -1.19
CA MET B 172 -26.88 2.95 -1.56
C MET B 172 -27.49 2.92 -2.98
N LEU B 173 -28.64 3.63 -3.19
CA LEU B 173 -29.37 3.69 -4.45
C LEU B 173 -28.51 4.23 -5.58
N ALA B 174 -27.79 5.33 -5.33
CA ALA B 174 -26.96 5.99 -6.31
C ALA B 174 -25.76 5.11 -6.71
N THR B 175 -25.03 4.55 -5.73
CA THR B 175 -23.89 3.70 -6.02
C THR B 175 -24.33 2.41 -6.71
N HIS B 176 -25.51 1.87 -6.36
CA HIS B 176 -26.01 0.65 -6.97
C HIS B 176 -26.25 0.84 -8.45
N HIS B 177 -26.93 1.93 -8.83
CA HIS B 177 -27.21 2.20 -10.23
C HIS B 177 -25.96 2.50 -11.04
N LEU B 178 -25.03 3.26 -10.45
CA LEU B 178 -23.76 3.59 -11.10
C LEU B 178 -22.93 2.31 -11.32
N ALA B 179 -22.95 1.39 -10.33
CA ALA B 179 -22.24 0.13 -10.38
C ALA B 179 -22.84 -0.88 -11.35
N LEU B 180 -24.11 -0.71 -11.74
CA LEU B 180 -24.76 -1.59 -12.71
C LEU B 180 -24.11 -1.51 -14.08
N HIS B 181 -23.44 -0.38 -14.40
CA HIS B 181 -22.74 -0.18 -15.66
C HIS B 181 -21.45 -0.99 -15.72
N GLU B 182 -20.77 -1.12 -14.58
CA GLU B 182 -19.53 -1.87 -14.48
C GLU B 182 -19.83 -3.37 -14.40
N ASP B 183 -18.86 -4.20 -14.79
CA ASP B 183 -19.02 -5.64 -14.74
C ASP B 183 -18.09 -6.20 -13.67
N LYS B 184 -18.22 -5.66 -12.45
CA LYS B 184 -17.44 -6.03 -11.27
C LYS B 184 -17.67 -7.49 -10.86
N PRO B 185 -16.59 -8.28 -10.68
CA PRO B 185 -16.78 -9.69 -10.29
C PRO B 185 -17.34 -9.86 -8.88
N ASP B 186 -18.24 -10.86 -8.75
CA ASP B 186 -18.99 -11.23 -7.54
C ASP B 186 -20.00 -10.18 -7.10
N PHE B 187 -20.35 -9.23 -7.97
CA PHE B 187 -21.28 -8.17 -7.62
C PHE B 187 -22.39 -7.95 -8.60
N VAL B 188 -23.56 -7.55 -8.09
CA VAL B 188 -24.74 -7.13 -8.85
C VAL B 188 -24.98 -5.74 -8.29
N GLY B 189 -24.35 -4.74 -8.89
CA GLY B 189 -24.40 -3.39 -8.38
C GLY B 189 -23.60 -3.31 -7.09
N ILE B 190 -24.26 -3.00 -5.98
CA ILE B 190 -23.58 -2.96 -4.68
C ILE B 190 -23.79 -4.21 -3.83
N ILE B 191 -24.48 -5.23 -4.37
CA ILE B 191 -24.70 -6.48 -3.64
C ILE B 191 -23.63 -7.46 -4.04
N CYS B 192 -22.93 -8.04 -3.05
CA CYS B 192 -21.93 -9.06 -3.28
C CYS B 192 -22.51 -10.42 -2.91
N THR B 193 -22.82 -11.25 -3.93
CA THR B 193 -23.43 -12.56 -3.74
C THR B 193 -22.45 -13.60 -3.18
N ARG B 194 -21.16 -13.49 -3.55
CA ARG B 194 -20.14 -14.42 -3.09
C ARG B 194 -19.34 -13.76 -1.97
N LEU B 195 -19.97 -13.60 -0.80
CA LEU B 195 -19.34 -12.93 0.34
C LEU B 195 -19.09 -13.83 1.55
N SER B 196 -17.81 -13.98 1.95
CA SER B 196 -17.40 -14.72 3.13
C SER B 196 -17.03 -13.68 4.19
N PRO B 197 -17.78 -13.58 5.31
CA PRO B 197 -17.46 -12.55 6.32
C PRO B 197 -16.03 -12.62 6.82
N LYS B 198 -15.42 -13.82 6.87
CA LYS B 198 -14.01 -13.97 7.28
C LYS B 198 -13.08 -13.21 6.33
N LYS B 199 -13.18 -13.46 5.00
CA LYS B 199 -12.33 -12.75 4.04
C LYS B 199 -12.91 -11.38 3.62
N ILE B 200 -13.81 -10.82 4.44
CA ILE B 200 -14.44 -9.51 4.28
C ILE B 200 -14.17 -8.63 5.54
N ILE B 201 -13.95 -9.28 6.69
CA ILE B 201 -13.52 -8.70 7.95
C ILE B 201 -12.01 -8.45 7.78
N GLU B 202 -11.26 -9.49 7.27
CA GLU B 202 -9.83 -9.48 6.98
C GLU B 202 -9.43 -8.27 6.18
N LYS B 203 -10.27 -7.88 5.22
CA LYS B 203 -10.09 -6.70 4.34
C LYS B 203 -9.81 -5.44 5.17
N TRP B 204 -10.55 -5.30 6.28
CA TRP B 204 -10.45 -4.16 7.18
C TRP B 204 -9.50 -4.38 8.35
N VAL B 205 -9.40 -5.62 8.81
CA VAL B 205 -8.51 -6.01 9.89
C VAL B 205 -7.06 -5.78 9.45
N ASP B 206 -6.66 -6.34 8.28
CA ASP B 206 -5.31 -6.22 7.72
C ASP B 206 -5.01 -4.81 7.14
N PHE B 207 -5.79 -3.80 7.57
CA PHE B 207 -5.66 -2.39 7.25
C PHE B 207 -5.58 -1.62 8.56
N ALA B 208 -6.50 -1.92 9.51
CA ALA B 208 -6.61 -1.23 10.80
C ALA B 208 -5.33 -1.30 11.62
N ARG B 209 -4.52 -2.36 11.44
CA ARG B 209 -3.23 -2.52 12.13
C ARG B 209 -2.27 -1.40 11.70
N ARG B 210 -2.32 -1.00 10.41
CA ARG B 210 -1.46 0.05 9.89
C ARG B 210 -1.71 1.44 10.48
N LEU B 211 -2.98 1.82 10.71
CA LEU B 211 -3.26 3.13 11.30
C LEU B 211 -2.93 3.19 12.79
N CYS B 212 -3.09 2.04 13.48
CA CYS B 212 -2.76 1.82 14.90
C CYS B 212 -1.22 1.83 15.08
N GLU B 213 -0.49 1.28 14.11
CA GLU B 213 0.97 1.28 14.13
C GLU B 213 1.53 2.70 13.94
N HIS B 214 0.85 3.52 13.14
CA HIS B 214 1.25 4.87 12.85
C HIS B 214 1.24 5.73 14.11
N LYS B 215 0.16 5.60 14.93
CA LYS B 215 -0.06 6.37 16.15
C LYS B 215 0.54 5.78 17.42
N TYR B 216 0.84 4.46 17.46
CA TYR B 216 1.35 3.84 18.67
C TYR B 216 2.64 3.06 18.53
N GLY B 217 3.21 3.01 17.33
CA GLY B 217 4.45 2.28 17.09
C GLY B 217 4.29 0.79 16.94
N ASN B 218 3.10 0.27 17.17
CA ASN B 218 2.77 -1.14 17.08
C ASN B 218 1.24 -1.28 17.07
N ALA B 219 0.74 -2.48 16.77
CA ALA B 219 -0.68 -2.74 16.76
C ALA B 219 -0.96 -4.16 17.23
N PRO B 220 -2.12 -4.40 17.89
CA PRO B 220 -2.43 -5.77 18.32
C PRO B 220 -2.70 -6.68 17.14
N ARG B 221 -2.30 -7.95 17.26
CA ARG B 221 -2.55 -8.98 16.24
C ARG B 221 -4.04 -9.39 16.34
N VAL B 222 -4.77 -9.57 15.21
CA VAL B 222 -6.20 -9.90 15.25
C VAL B 222 -6.49 -11.37 14.93
N ARG B 223 -7.31 -12.01 15.75
CA ARG B 223 -7.65 -13.42 15.56
C ARG B 223 -9.11 -13.53 15.17
N ILE B 224 -9.42 -14.25 14.08
CA ILE B 224 -10.80 -14.44 13.66
C ILE B 224 -11.21 -15.89 13.86
N ASN B 225 -12.35 -16.12 14.51
CA ASN B 225 -12.84 -17.46 14.76
C ASN B 225 -14.34 -17.63 14.49
N GLY B 226 -14.77 -18.91 14.48
CA GLY B 226 -16.12 -19.38 14.28
C GLY B 226 -16.79 -18.95 12.99
N HIS B 227 -17.47 -19.88 12.29
CA HIS B 227 -18.17 -19.59 11.02
C HIS B 227 -17.30 -18.81 10.02
N VAL B 228 -15.99 -19.09 10.05
CA VAL B 228 -15.00 -18.49 9.18
C VAL B 228 -15.21 -18.85 7.70
N ALA B 229 -15.86 -19.99 7.42
CA ALA B 229 -16.12 -20.41 6.05
C ALA B 229 -17.55 -20.13 5.57
N ALA B 230 -18.32 -19.34 6.33
CA ALA B 230 -19.68 -18.98 5.94
C ALA B 230 -19.64 -18.13 4.66
N ARG B 231 -20.57 -18.35 3.71
CA ARG B 231 -20.60 -17.58 2.46
C ARG B 231 -22.05 -17.33 2.03
N PHE B 232 -22.41 -16.04 1.87
CA PHE B 232 -23.78 -15.62 1.56
C PHE B 232 -23.84 -14.23 0.88
N PRO B 233 -24.94 -13.88 0.19
CA PRO B 233 -25.04 -12.53 -0.42
C PRO B 233 -25.23 -11.44 0.63
N PHE B 234 -24.60 -10.28 0.40
CA PHE B 234 -24.64 -9.15 1.32
C PHE B 234 -24.18 -7.84 0.67
N ILE B 235 -24.62 -6.68 1.24
CA ILE B 235 -24.20 -5.35 0.79
C ILE B 235 -23.05 -4.90 1.71
N PRO B 236 -21.81 -4.91 1.18
CA PRO B 236 -20.65 -4.56 2.01
C PRO B 236 -20.49 -3.09 2.39
N MET B 237 -21.09 -2.16 1.62
CA MET B 237 -20.99 -0.71 1.88
C MET B 237 -21.08 -0.29 3.38
N PRO B 238 -22.10 -0.70 4.15
CA PRO B 238 -22.14 -0.32 5.57
C PRO B 238 -21.00 -0.92 6.39
N LEU B 239 -20.62 -2.18 6.11
CA LEU B 239 -19.49 -2.86 6.76
C LEU B 239 -18.17 -2.14 6.50
N ASP B 240 -18.03 -1.52 5.32
CA ASP B 240 -16.85 -0.74 4.97
C ASP B 240 -16.65 0.48 5.88
N TYR B 241 -17.71 0.94 6.57
CA TYR B 241 -17.56 2.04 7.51
C TYR B 241 -17.44 1.49 8.93
N ILE B 242 -18.41 0.66 9.35
CA ILE B 242 -18.49 0.13 10.72
C ILE B 242 -17.23 -0.62 11.18
N LEU B 243 -16.77 -1.63 10.39
CA LEU B 243 -15.60 -2.45 10.71
C LEU B 243 -14.35 -1.61 10.96
N PRO B 244 -13.88 -0.72 10.04
CA PRO B 244 -12.69 0.09 10.39
C PRO B 244 -12.89 0.94 11.64
N GLU B 245 -14.10 1.51 11.87
CA GLU B 245 -14.33 2.32 13.08
C GLU B 245 -14.23 1.49 14.33
N LEU B 246 -14.78 0.28 14.32
CA LEU B 246 -14.75 -0.58 15.48
C LEU B 246 -13.37 -1.18 15.72
N LEU B 247 -12.61 -1.41 14.66
CA LEU B 247 -11.24 -1.93 14.78
C LEU B 247 -10.30 -0.85 15.26
N LYS B 248 -10.48 0.39 14.81
CA LYS B 248 -9.66 1.51 15.26
C LYS B 248 -9.89 1.73 16.76
N ASN B 249 -11.15 1.64 17.23
CA ASN B 249 -11.51 1.81 18.63
C ASN B 249 -10.90 0.72 19.51
N ALA B 250 -10.96 -0.54 19.07
CA ALA B 250 -10.43 -1.68 19.81
C ALA B 250 -8.90 -1.65 19.88
N MET B 251 -8.26 -1.27 18.77
CA MET B 251 -6.82 -1.19 18.73
C MET B 251 -6.28 -0.01 19.51
N ARG B 252 -6.97 1.14 19.44
CA ARG B 252 -6.56 2.34 20.18
C ARG B 252 -6.62 2.07 21.68
N ALA B 253 -7.69 1.40 22.14
CA ALA B 253 -7.89 1.07 23.56
C ALA B 253 -6.84 0.06 24.05
N THR B 254 -6.49 -0.93 23.21
CA THR B 254 -5.48 -1.92 23.58
C THR B 254 -4.11 -1.28 23.76
N MET B 255 -3.80 -0.28 22.93
CA MET B 255 -2.52 0.40 22.99
C MET B 255 -2.46 1.39 24.13
N GLU B 256 -3.53 2.15 24.35
CA GLU B 256 -3.54 3.12 25.43
C GLU B 256 -3.53 2.47 26.82
N SER B 257 -3.98 1.21 26.93
CA SER B 257 -3.96 0.49 28.20
C SER B 257 -2.65 -0.29 28.44
N HIS B 258 -1.85 -0.50 27.40
CA HIS B 258 -0.58 -1.21 27.53
C HIS B 258 0.58 -0.31 27.10
N LEU B 259 0.54 0.96 27.54
CA LEU B 259 1.54 1.95 27.20
C LEU B 259 2.93 1.59 27.69
N ASP B 260 3.02 0.86 28.81
CA ASP B 260 4.33 0.49 29.35
C ASP B 260 4.97 -0.69 28.60
N THR B 261 4.17 -1.51 27.93
CA THR B 261 4.66 -2.62 27.10
C THR B 261 4.02 -2.45 25.71
N PRO B 262 4.38 -1.41 24.92
CA PRO B 262 3.74 -1.23 23.61
C PRO B 262 4.04 -2.35 22.62
N TYR B 263 5.09 -3.12 22.90
CA TYR B 263 5.65 -4.26 22.18
C TYR B 263 4.94 -5.59 22.52
N ASN B 264 4.32 -5.67 23.70
CA ASN B 264 3.61 -6.87 24.15
C ASN B 264 2.17 -6.50 24.49
N VAL B 265 1.29 -6.47 23.48
CA VAL B 265 -0.11 -6.14 23.66
C VAL B 265 -1.02 -7.34 23.34
N PRO B 266 -2.16 -7.48 24.03
CA PRO B 266 -3.04 -8.63 23.79
C PRO B 266 -3.78 -8.57 22.45
N ASP B 267 -4.09 -9.73 21.89
CA ASP B 267 -4.80 -9.84 20.62
C ASP B 267 -6.25 -9.37 20.69
N VAL B 268 -6.77 -8.89 19.56
CA VAL B 268 -8.18 -8.51 19.44
C VAL B 268 -8.83 -9.74 18.79
N VAL B 269 -9.86 -10.29 19.42
CA VAL B 269 -10.50 -11.51 18.90
C VAL B 269 -11.88 -11.23 18.32
N ILE B 270 -12.02 -11.50 17.01
CA ILE B 270 -13.25 -11.32 16.27
C ILE B 270 -13.93 -12.65 16.01
N THR B 271 -15.20 -12.76 16.37
CA THR B 271 -15.96 -13.98 16.19
C THR B 271 -17.07 -13.73 15.19
N ILE B 272 -17.25 -14.67 14.26
CA ILE B 272 -18.31 -14.56 13.27
C ILE B 272 -19.37 -15.59 13.63
N ALA B 273 -20.62 -15.16 13.71
CA ALA B 273 -21.74 -16.06 13.96
C ALA B 273 -22.74 -15.80 12.84
N ASN B 274 -22.87 -16.75 11.93
CA ASN B 274 -23.78 -16.62 10.81
C ASN B 274 -24.93 -17.61 10.99
N ASN B 275 -26.15 -17.10 11.14
CA ASN B 275 -27.34 -17.92 11.25
C ASN B 275 -28.33 -17.50 10.15
N ASP B 276 -29.52 -18.11 10.09
CA ASP B 276 -30.47 -17.80 9.02
C ASP B 276 -31.17 -16.44 9.18
N VAL B 277 -31.12 -15.84 10.37
CA VAL B 277 -31.74 -14.54 10.60
C VAL B 277 -30.75 -13.38 10.39
N ASP B 278 -29.60 -13.42 11.06
CA ASP B 278 -28.63 -12.34 10.98
C ASP B 278 -27.17 -12.80 10.94
N LEU B 279 -26.26 -11.84 10.74
CA LEU B 279 -24.83 -12.03 10.78
C LEU B 279 -24.37 -11.28 12.04
N ILE B 280 -23.64 -11.94 12.93
CA ILE B 280 -23.12 -11.30 14.13
C ILE B 280 -21.60 -11.29 14.07
N ILE B 281 -21.01 -10.10 14.27
CA ILE B 281 -19.57 -9.96 14.34
C ILE B 281 -19.28 -9.44 15.73
N ARG B 282 -18.56 -10.20 16.56
CA ARG B 282 -18.21 -9.77 17.92
C ARG B 282 -16.74 -9.38 17.93
N ILE B 283 -16.43 -8.15 18.32
CA ILE B 283 -15.05 -7.70 18.39
C ILE B 283 -14.68 -7.54 19.85
N SER B 284 -13.89 -8.50 20.36
CA SER B 284 -13.47 -8.50 21.77
C SER B 284 -12.02 -8.07 21.96
N ASP B 285 -11.81 -6.99 22.73
CA ASP B 285 -10.47 -6.48 22.99
C ASP B 285 -10.13 -6.52 24.47
N ARG B 286 -8.83 -6.45 24.81
CA ARG B 286 -8.41 -6.39 26.20
C ARG B 286 -7.79 -5.02 26.44
N GLY B 287 -8.57 -3.98 26.11
CA GLY B 287 -8.14 -2.59 26.20
C GLY B 287 -8.62 -1.80 27.41
N GLY B 288 -8.90 -2.49 28.51
CA GLY B 288 -9.32 -1.85 29.75
C GLY B 288 -10.79 -1.53 29.89
N GLY B 289 -11.52 -1.56 28.78
CA GLY B 289 -12.95 -1.30 28.80
C GLY B 289 -13.31 0.18 28.77
N ILE B 290 -14.61 0.47 28.77
CA ILE B 290 -15.16 1.83 28.79
C ILE B 290 -15.54 2.15 30.22
N ALA B 291 -14.97 3.22 30.79
CA ALA B 291 -15.21 3.63 32.17
C ALA B 291 -16.67 3.83 32.47
N HIS B 292 -17.09 3.51 33.70
CA HIS B 292 -18.50 3.66 34.11
C HIS B 292 -19.07 5.04 33.87
N LYS B 293 -18.25 6.09 34.11
CA LYS B 293 -18.67 7.48 33.91
C LYS B 293 -18.89 7.86 32.43
N ASP B 294 -18.10 7.26 31.54
CA ASP B 294 -18.20 7.53 30.11
C ASP B 294 -19.19 6.59 29.39
N LEU B 295 -19.60 5.50 30.04
CA LEU B 295 -20.46 4.48 29.46
C LEU B 295 -21.76 5.01 28.80
N ASP B 296 -22.37 6.05 29.37
CA ASP B 296 -23.59 6.61 28.77
C ASP B 296 -23.34 7.74 27.76
N ARG B 297 -22.10 8.21 27.66
CA ARG B 297 -21.75 9.27 26.73
C ARG B 297 -21.10 8.75 25.45
N VAL B 298 -20.60 7.50 25.45
CA VAL B 298 -19.90 6.96 24.28
C VAL B 298 -20.75 6.96 23.00
N MET B 299 -22.08 6.78 23.13
CA MET B 299 -22.95 6.78 21.96
C MET B 299 -23.45 8.18 21.52
N ASP B 300 -22.89 9.23 22.12
CA ASP B 300 -23.25 10.61 21.77
C ASP B 300 -22.29 11.14 20.73
N TYR B 301 -22.79 11.95 19.79
CA TYR B 301 -21.95 12.54 18.76
C TYR B 301 -21.01 13.56 19.40
N HIS B 302 -19.74 13.55 18.96
CA HIS B 302 -18.65 14.40 19.40
C HIS B 302 -17.94 13.92 20.69
N PHE B 303 -18.54 12.98 21.45
CA PHE B 303 -17.89 12.49 22.67
C PHE B 303 -16.70 11.63 22.34
N THR B 304 -15.53 12.04 22.83
CA THR B 304 -14.28 11.31 22.67
C THR B 304 -13.39 11.50 23.90
N THR B 305 -12.46 10.57 24.11
CA THR B 305 -11.49 10.68 25.20
C THR B 305 -10.07 10.71 24.61
N ALA B 306 -9.89 11.39 23.46
CA ALA B 306 -8.60 11.44 22.78
C ALA B 306 -7.80 12.75 22.98
N PHE B 336 -12.73 12.72 17.50
CA PHE B 336 -13.78 12.72 16.47
C PHE B 336 -15.19 12.59 17.11
N GLY B 337 -15.43 11.46 17.79
CA GLY B 337 -16.67 11.15 18.47
C GLY B 337 -17.82 10.74 17.57
N PHE B 338 -17.50 10.28 16.36
CA PHE B 338 -18.51 9.88 15.39
C PHE B 338 -18.61 8.38 15.18
N GLY B 339 -17.50 7.67 15.33
CA GLY B 339 -17.41 6.22 15.14
C GLY B 339 -18.55 5.38 15.70
N LEU B 340 -18.80 5.48 17.00
CA LEU B 340 -19.86 4.69 17.65
C LEU B 340 -21.28 5.11 17.28
N PRO B 341 -21.69 6.39 17.43
CA PRO B 341 -23.07 6.75 17.08
C PRO B 341 -23.42 6.55 15.61
N THR B 342 -22.46 6.75 14.70
CA THR B 342 -22.71 6.54 13.28
C THR B 342 -22.87 5.05 13.00
N SER B 343 -22.01 4.22 13.60
CA SER B 343 -22.09 2.77 13.41
C SER B 343 -23.39 2.20 13.94
N ARG B 344 -23.91 2.71 15.08
CA ARG B 344 -25.19 2.21 15.59
C ARG B 344 -26.34 2.63 14.68
N ALA B 345 -26.37 3.90 14.24
CA ALA B 345 -27.40 4.42 13.32
C ALA B 345 -27.40 3.60 12.03
N TYR B 346 -26.20 3.24 11.55
CA TYR B 346 -26.00 2.41 10.38
C TYR B 346 -26.60 1.02 10.61
N ALA B 347 -26.19 0.33 11.70
CA ALA B 347 -26.66 -1.01 12.00
C ALA B 347 -28.15 -1.09 12.16
N GLU B 348 -28.75 -0.12 12.86
CA GLU B 348 -30.18 -0.09 13.09
C GLU B 348 -30.97 0.21 11.83
N TYR B 349 -30.46 1.10 10.96
CA TYR B 349 -31.10 1.40 9.67
C TYR B 349 -31.22 0.14 8.80
N LEU B 350 -30.26 -0.77 8.93
CA LEU B 350 -30.20 -2.01 8.18
C LEU B 350 -30.78 -3.21 8.94
N GLY B 351 -31.74 -2.95 9.84
CA GLY B 351 -32.43 -3.97 10.62
C GLY B 351 -31.56 -4.77 11.57
N GLY B 352 -30.48 -4.17 12.03
CA GLY B 352 -29.55 -4.81 12.94
C GLY B 352 -29.37 -4.02 14.22
N SER B 353 -28.22 -4.18 14.86
CA SER B 353 -27.92 -3.52 16.13
C SER B 353 -26.42 -3.41 16.39
N LEU B 354 -26.03 -2.52 17.31
CA LEU B 354 -24.65 -2.40 17.74
C LEU B 354 -24.71 -2.33 19.24
N GLN B 355 -24.24 -3.37 19.91
CA GLN B 355 -24.31 -3.43 21.36
C GLN B 355 -22.91 -3.49 21.99
N LEU B 356 -22.71 -2.75 23.09
CA LEU B 356 -21.42 -2.71 23.77
C LEU B 356 -21.47 -3.40 25.13
N GLN B 357 -20.43 -4.16 25.47
CA GLN B 357 -20.36 -4.84 26.75
C GLN B 357 -19.01 -4.53 27.34
N SER B 358 -18.98 -3.62 28.32
CA SER B 358 -17.72 -3.21 28.93
C SER B 358 -17.38 -3.98 30.19
N LEU B 359 -16.16 -4.51 30.23
CA LEU B 359 -15.61 -5.21 31.38
C LEU B 359 -14.49 -4.31 31.87
N GLN B 360 -14.86 -3.29 32.67
CA GLN B 360 -13.94 -2.28 33.17
C GLN B 360 -12.76 -2.90 33.89
N GLY B 361 -11.57 -2.55 33.45
CA GLY B 361 -10.32 -3.08 33.97
C GLY B 361 -9.76 -4.22 33.13
N ILE B 362 -10.57 -4.78 32.21
CA ILE B 362 -10.16 -5.88 31.35
C ILE B 362 -10.29 -5.51 29.86
N GLY B 363 -11.51 -5.26 29.39
CA GLY B 363 -11.73 -4.94 27.98
C GLY B 363 -13.18 -4.69 27.63
N THR B 364 -13.50 -4.75 26.34
CA THR B 364 -14.84 -4.51 25.83
C THR B 364 -15.18 -5.53 24.74
N ASP B 365 -16.44 -5.90 24.64
CA ASP B 365 -16.93 -6.76 23.56
C ASP B 365 -17.95 -5.90 22.80
N VAL B 366 -17.79 -5.78 21.49
CA VAL B 366 -18.70 -5.00 20.67
C VAL B 366 -19.42 -5.96 19.74
N TYR B 367 -20.76 -5.96 19.79
CA TYR B 367 -21.56 -6.87 19.00
C TYR B 367 -22.30 -6.17 17.88
N LEU B 368 -21.87 -6.41 16.64
CA LEU B 368 -22.50 -5.87 15.45
C LEU B 368 -23.40 -6.93 14.85
N ARG B 369 -24.70 -6.64 14.74
CA ARG B 369 -25.64 -7.55 14.12
C ARG B 369 -26.24 -6.91 12.89
N LEU B 370 -26.32 -7.64 11.79
CA LEU B 370 -26.89 -7.14 10.54
C LEU B 370 -27.80 -8.20 9.95
N ARG B 371 -29.05 -7.82 9.65
CA ARG B 371 -30.07 -8.72 9.12
C ARG B 371 -29.67 -9.21 7.73
N HIS B 372 -29.90 -10.49 7.48
CA HIS B 372 -29.55 -11.11 6.20
C HIS B 372 -30.41 -10.63 5.04
N ILE B 373 -29.87 -10.76 3.81
CA ILE B 373 -30.58 -10.43 2.58
C ILE B 373 -31.43 -11.63 2.17
N ASP B 374 -32.77 -11.40 2.07
CA ASP B 374 -33.86 -12.31 1.70
C ASP B 374 -35.10 -12.00 2.54
#